data_7Q6O
#
_entry.id   7Q6O
#
_cell.length_a   92.170
_cell.length_b   109.860
_cell.length_c   87.730
_cell.angle_alpha   90.000
_cell.angle_beta   90.000
_cell.angle_gamma   90.000
#
_symmetry.space_group_name_H-M   'C 2 2 21'
#
loop_
_entity.id
_entity.type
_entity.pdbx_description
1 polymer 'NAD(P)H dehydrogenase (quinone)'
2 non-polymer 'CHLORIDE ION'
3 water water
#
_entity_poly.entity_id   1
_entity_poly.type   'polypeptide(L)'
_entity_poly.pdbx_seq_one_letter_code
;MHHHHHHGKPIPNPLLGLDSTENLYFQGIDPFTMAKILVLYYSMYGHIETLAGAIAEGARKVSGVDVTIKRVPETMPAEA
FAKAGGKTNQQAPVATPHELADYDGIIFGTPTRFGNMSGQMRTFLDQTGGLWASGALYGKVASVFASTGTGGGQEHTITS
TWTTLAHHGFIIVPIGYGAKELFDVSQTRGGTPYGATTIAGGDGSRQPSAEELAIARFQGEHVAKITAKLKG
;
_entity_poly.pdbx_strand_id   A,B
#
loop_
_chem_comp.id
_chem_comp.type
_chem_comp.name
_chem_comp.formula
CL non-polymer 'CHLORIDE ION' 'Cl -1'
#
# COMPACT_ATOMS: atom_id res chain seq x y z
N TYR A 25 -22.16 25.35 0.74
CA TYR A 25 -22.50 26.18 -0.45
C TYR A 25 -23.97 25.66 -0.70
N PHE A 26 -24.93 26.55 -0.96
CA PHE A 26 -26.32 26.12 -0.86
C PHE A 26 -26.74 25.20 -1.99
N GLN A 27 -26.13 25.34 -3.16
CA GLN A 27 -26.46 24.50 -4.29
C GLN A 27 -25.28 23.67 -4.78
N GLY A 28 -24.04 23.99 -4.39
CA GLY A 28 -22.91 23.24 -4.90
C GLY A 28 -22.81 21.84 -4.33
N ILE A 29 -23.44 21.59 -3.19
CA ILE A 29 -23.26 20.34 -2.46
C ILE A 29 -24.23 19.30 -3.00
N ASP A 30 -23.72 18.13 -3.38
CA ASP A 30 -24.62 17.14 -3.94
C ASP A 30 -25.36 16.35 -2.86
N PRO A 31 -26.61 15.94 -3.14
CA PRO A 31 -27.34 15.12 -2.15
C PRO A 31 -26.86 13.69 -2.05
N PHE A 32 -26.12 13.19 -3.07
CA PHE A 32 -25.73 11.79 -3.14
C PHE A 32 -24.24 11.79 -3.49
N THR A 33 -23.50 10.86 -2.97
CA THR A 33 -22.11 10.76 -3.38
C THR A 33 -21.83 9.41 -4.02
N MET A 34 -20.90 9.41 -4.96
CA MET A 34 -20.39 8.19 -5.52
C MET A 34 -18.90 8.15 -5.24
N ALA A 35 -18.39 6.94 -5.12
CA ALA A 35 -16.96 6.76 -5.02
C ALA A 35 -16.47 6.73 -6.47
N LYS A 36 -15.49 7.57 -6.79
CA LYS A 36 -15.02 7.73 -8.17
C LYS A 36 -13.71 6.99 -8.30
N ILE A 37 -13.67 6.00 -9.18
CA ILE A 37 -12.49 5.20 -9.44
C ILE A 37 -11.95 5.58 -10.81
N LEU A 38 -10.67 5.92 -10.88
CA LEU A 38 -9.97 6.07 -12.16
C LEU A 38 -9.07 4.87 -12.37
N VAL A 39 -9.22 4.19 -13.50
CA VAL A 39 -8.23 3.21 -13.95
C VAL A 39 -7.34 3.92 -14.97
N LEU A 40 -6.12 4.25 -14.56
CA LEU A 40 -5.15 5.00 -15.34
C LEU A 40 -4.03 4.06 -15.77
N TYR A 41 -3.80 3.96 -17.08
CA TYR A 41 -2.84 3.01 -17.60
C TYR A 41 -2.01 3.60 -18.73
N TYR A 42 -0.89 2.93 -18.98
CA TYR A 42 -0.10 3.05 -20.18
C TYR A 42 0.01 1.67 -20.80
N SER A 43 -0.16 1.58 -22.11
CA SER A 43 0.02 0.30 -22.81
C SER A 43 0.56 0.57 -24.21
N MET A 44 1.61 -0.14 -24.61
CA MET A 44 2.09 -0.03 -25.97
C MET A 44 1.43 -1.05 -26.89
N TYR A 45 1.41 -2.30 -26.47
CA TYR A 45 0.89 -3.39 -27.29
C TYR A 45 -0.49 -3.86 -26.88
N GLY A 46 -1.07 -3.30 -25.81
CA GLY A 46 -2.46 -3.54 -25.45
C GLY A 46 -2.66 -4.45 -24.26
N HIS A 47 -1.62 -5.14 -23.79
CA HIS A 47 -1.83 -6.10 -22.71
C HIS A 47 -2.40 -5.41 -21.49
N ILE A 48 -1.83 -4.28 -21.09
CA ILE A 48 -2.33 -3.56 -19.94
C ILE A 48 -3.68 -2.91 -20.21
N GLU A 49 -3.92 -2.46 -21.45
CA GLU A 49 -5.25 -1.98 -21.80
C GLU A 49 -6.31 -3.05 -21.56
N THR A 50 -6.02 -4.29 -21.95
CA THR A 50 -6.95 -5.39 -21.72
C THR A 50 -7.12 -5.66 -20.22
N LEU A 51 -6.02 -5.71 -19.46
CA LEU A 51 -6.22 -5.86 -18.01
C LEU A 51 -6.97 -4.66 -17.42
N ALA A 52 -6.73 -3.47 -17.94
CA ALA A 52 -7.43 -2.31 -17.41
C ALA A 52 -8.94 -2.47 -17.56
N GLY A 53 -9.39 -3.08 -18.66
CA GLY A 53 -10.81 -3.37 -18.82
C GLY A 53 -11.35 -4.32 -17.76
N ALA A 54 -10.56 -5.33 -17.39
CA ALA A 54 -11.02 -6.26 -16.36
C ALA A 54 -11.01 -5.60 -14.99
N ILE A 55 -9.99 -4.80 -14.69
CA ILE A 55 -9.98 -4.03 -13.46
C ILE A 55 -11.29 -3.26 -13.32
N ALA A 56 -11.66 -2.55 -14.40
CA ALA A 56 -12.85 -1.71 -14.40
C ALA A 56 -14.12 -2.54 -14.25
N GLU A 57 -14.21 -3.66 -14.98
CA GLU A 57 -15.34 -4.56 -14.80
C GLU A 57 -15.51 -4.92 -13.33
N GLY A 58 -14.43 -5.29 -12.67
CA GLY A 58 -14.53 -5.64 -11.27
C GLY A 58 -15.02 -4.49 -10.40
N ALA A 59 -14.45 -3.30 -10.60
CA ALA A 59 -14.89 -2.15 -9.81
C ALA A 59 -16.36 -1.82 -10.06
N ARG A 60 -16.86 -2.13 -11.26
CA ARG A 60 -18.25 -1.85 -11.58
C ARG A 60 -19.22 -2.77 -10.86
N LYS A 61 -18.74 -3.85 -10.26
CA LYS A 61 -19.64 -4.73 -9.50
C LYS A 61 -20.11 -4.08 -8.21
N VAL A 62 -19.49 -2.98 -7.80
CA VAL A 62 -19.75 -2.39 -6.50
C VAL A 62 -20.79 -1.29 -6.63
N SER A 63 -21.84 -1.39 -5.81
CA SER A 63 -22.87 -0.36 -5.72
C SER A 63 -22.28 0.98 -5.27
N GLY A 64 -22.75 2.06 -5.91
CA GLY A 64 -22.31 3.40 -5.56
C GLY A 64 -20.93 3.80 -6.06
N VAL A 65 -20.35 3.14 -7.08
CA VAL A 65 -19.01 3.46 -7.60
C VAL A 65 -19.09 3.89 -9.07
N ASP A 66 -18.50 5.07 -9.41
CA ASP A 66 -18.34 5.48 -10.82
C ASP A 66 -16.95 5.03 -11.28
N VAL A 67 -16.85 4.41 -12.46
CA VAL A 67 -15.56 3.89 -12.94
C VAL A 67 -15.22 4.61 -14.25
N THR A 68 -14.00 5.14 -14.34
CA THR A 68 -13.50 5.81 -15.53
C THR A 68 -12.15 5.20 -15.93
N ILE A 69 -11.95 4.91 -17.23
CA ILE A 69 -10.66 4.42 -17.73
C ILE A 69 -10.00 5.53 -18.55
N LYS A 70 -8.74 5.84 -18.25
CA LYS A 70 -8.01 6.83 -19.06
C LYS A 70 -6.57 6.35 -19.20
N ARG A 71 -5.89 6.87 -20.23
CA ARG A 71 -4.51 6.53 -20.50
C ARG A 71 -3.61 7.75 -20.38
N VAL A 72 -2.35 7.52 -20.06
CA VAL A 72 -1.36 8.60 -20.02
C VAL A 72 -0.81 8.86 -21.43
N PRO A 73 -0.33 10.08 -21.71
CA PRO A 73 0.20 10.37 -23.04
C PRO A 73 1.40 9.50 -23.39
N GLU A 74 1.48 9.14 -24.67
CA GLU A 74 2.68 8.58 -25.25
C GLU A 74 3.83 9.58 -25.21
N THR A 75 5.01 9.08 -24.89
CA THR A 75 6.25 9.86 -24.90
C THR A 75 7.15 9.58 -26.09
N MET A 76 7.04 8.41 -26.70
CA MET A 76 7.96 8.12 -27.79
C MET A 76 7.49 8.74 -29.09
N PRO A 77 8.41 8.92 -30.04
CA PRO A 77 8.01 9.44 -31.35
C PRO A 77 6.98 8.53 -32.01
N ALA A 78 6.03 9.16 -32.69
CA ALA A 78 4.93 8.41 -33.30
C ALA A 78 5.44 7.40 -34.30
N GLU A 79 6.51 7.72 -35.02
CA GLU A 79 7.02 6.83 -36.06
C GLU A 79 7.74 5.64 -35.44
N ALA A 80 8.46 5.86 -34.35
CA ALA A 80 9.04 4.76 -33.62
C ALA A 80 7.95 3.83 -33.08
N PHE A 81 6.89 4.41 -32.51
CA PHE A 81 5.80 3.60 -31.98
C PHE A 81 5.20 2.72 -33.06
N ALA A 82 4.87 3.32 -34.20
CA ALA A 82 4.20 2.58 -35.27
C ALA A 82 5.15 1.57 -35.90
N LYS A 83 6.42 1.92 -36.03
CA LYS A 83 7.37 0.98 -36.59
C LYS A 83 7.63 -0.18 -35.64
N ALA A 84 7.44 0.00 -34.34
CA ALA A 84 7.57 -1.08 -33.38
C ALA A 84 6.32 -1.93 -33.23
N GLY A 85 5.29 -1.67 -34.01
CA GLY A 85 4.06 -2.43 -33.90
C GLY A 85 3.11 -1.98 -32.81
N GLY A 86 3.23 -0.75 -32.35
CA GLY A 86 2.41 -0.30 -31.24
C GLY A 86 0.93 -0.24 -31.62
N LYS A 87 0.09 -0.32 -30.60
CA LYS A 87 -1.36 -0.26 -30.77
C LYS A 87 -1.81 1.19 -30.63
N THR A 88 -1.95 1.87 -31.78
CA THR A 88 -2.51 3.22 -31.79
C THR A 88 -4.00 3.24 -31.63
N ASN A 89 -4.70 2.11 -31.81
CA ASN A 89 -6.16 2.08 -31.66
C ASN A 89 -6.49 1.82 -30.18
N GLN A 90 -6.41 2.87 -29.36
CA GLN A 90 -6.81 2.80 -27.96
C GLN A 90 -7.90 3.85 -27.70
N GLN A 91 -9.15 3.43 -27.42
CA GLN A 91 -10.24 4.37 -27.31
C GLN A 91 -10.27 5.17 -26.02
N ALA A 92 -9.66 4.66 -24.95
CA ALA A 92 -9.69 5.40 -23.70
C ALA A 92 -9.14 6.82 -23.92
N PRO A 93 -9.77 7.84 -23.37
CA PRO A 93 -9.23 9.19 -23.51
C PRO A 93 -7.92 9.38 -22.77
N VAL A 94 -7.19 10.41 -23.17
CA VAL A 94 -5.94 10.75 -22.51
C VAL A 94 -6.22 11.59 -21.27
N ALA A 95 -5.60 11.21 -20.15
CA ALA A 95 -5.81 11.89 -18.88
C ALA A 95 -4.94 13.14 -18.77
N THR A 96 -5.37 14.07 -17.93
CA THR A 96 -4.55 15.22 -17.58
C THR A 96 -4.03 15.01 -16.17
N PRO A 97 -2.85 15.52 -15.83
CA PRO A 97 -2.34 15.26 -14.47
C PRO A 97 -3.25 15.81 -13.41
N HIS A 98 -3.80 17.00 -13.66
CA HIS A 98 -4.59 17.72 -12.69
C HIS A 98 -5.84 16.96 -12.27
N GLU A 99 -6.43 16.18 -13.18
CA GLU A 99 -7.73 15.60 -12.87
C GLU A 99 -7.65 14.41 -11.92
N LEU A 100 -6.45 13.91 -11.62
CA LEU A 100 -6.39 12.82 -10.66
C LEU A 100 -7.01 13.25 -9.33
N ALA A 101 -7.00 14.56 -9.04
CA ALA A 101 -7.55 15.09 -7.80
C ALA A 101 -9.05 14.91 -7.73
N ASP A 102 -9.71 14.64 -8.85
CA ASP A 102 -11.15 14.51 -8.87
C ASP A 102 -11.64 13.11 -8.52
N TYR A 103 -10.75 12.15 -8.27
CA TYR A 103 -11.18 10.78 -8.09
C TYR A 103 -10.90 10.36 -6.66
N ASP A 104 -11.61 9.32 -6.21
CA ASP A 104 -11.45 8.81 -4.84
C ASP A 104 -10.49 7.65 -4.75
N GLY A 105 -10.40 6.83 -5.79
CA GLY A 105 -9.46 5.74 -5.88
C GLY A 105 -8.82 5.74 -7.26
N ILE A 106 -7.55 5.41 -7.37
CA ILE A 106 -6.87 5.37 -8.67
C ILE A 106 -6.10 4.06 -8.76
N ILE A 107 -6.40 3.29 -9.79
CA ILE A 107 -5.74 2.01 -10.02
C ILE A 107 -4.84 2.24 -11.23
N PHE A 108 -3.55 2.15 -10.97
CA PHE A 108 -2.50 2.49 -11.95
C PHE A 108 -1.98 1.24 -12.65
N GLY A 109 -2.02 1.25 -13.97
CA GLY A 109 -1.51 0.14 -14.75
C GLY A 109 -0.36 0.48 -15.67
N THR A 110 0.67 -0.38 -15.66
CA THR A 110 1.83 -0.05 -16.48
C THR A 110 2.66 -1.24 -16.89
N PRO A 111 3.24 -1.25 -18.07
CA PRO A 111 4.33 -2.18 -18.32
C PRO A 111 5.55 -1.77 -17.49
N THR A 112 6.45 -2.72 -17.33
CA THR A 112 7.69 -2.45 -16.61
C THR A 112 8.74 -1.84 -17.52
N ARG A 113 9.63 -1.06 -16.90
CA ARG A 113 10.88 -0.65 -17.55
C ARG A 113 11.97 -1.08 -16.56
N PHE A 114 12.61 -2.23 -16.80
CA PHE A 114 13.69 -2.75 -15.93
C PHE A 114 13.33 -2.76 -14.44
N GLY A 115 12.14 -3.28 -14.13
CA GLY A 115 11.71 -3.36 -12.74
C GLY A 115 11.05 -2.11 -12.18
N ASN A 116 10.92 -1.06 -13.00
CA ASN A 116 10.31 0.20 -12.61
C ASN A 116 9.07 0.41 -13.47
N MET A 117 8.24 1.37 -13.08
CA MET A 117 7.16 1.80 -13.98
C MET A 117 7.73 2.33 -15.29
N SER A 118 6.90 2.22 -16.34
CA SER A 118 7.19 2.78 -17.65
C SER A 118 7.62 4.24 -17.56
N GLY A 119 8.49 4.62 -18.50
CA GLY A 119 8.82 6.03 -18.63
C GLY A 119 7.58 6.89 -18.87
N GLN A 120 6.59 6.37 -19.58
CA GLN A 120 5.35 7.10 -19.89
C GLN A 120 4.56 7.41 -18.62
N MET A 121 4.33 6.39 -17.77
CA MET A 121 3.62 6.58 -16.51
C MET A 121 4.43 7.46 -15.57
N ARG A 122 5.75 7.24 -15.51
CA ARG A 122 6.59 8.06 -14.67
C ARG A 122 6.55 9.52 -15.07
N THR A 123 6.70 9.80 -16.37
CA THR A 123 6.63 11.17 -16.88
C THR A 123 5.30 11.83 -16.49
N PHE A 124 4.20 11.10 -16.61
CA PHE A 124 2.89 11.61 -16.20
C PHE A 124 2.85 11.95 -14.72
N LEU A 125 3.26 11.02 -13.86
CA LEU A 125 3.29 11.28 -12.42
C LEU A 125 4.24 12.41 -12.07
N ASP A 126 5.32 12.61 -12.84
CA ASP A 126 6.16 13.76 -12.58
C ASP A 126 5.43 15.08 -12.75
N GLN A 127 4.33 15.09 -13.48
CA GLN A 127 3.56 16.32 -13.68
C GLN A 127 2.50 16.52 -12.60
N THR A 128 2.56 15.79 -11.49
CA THR A 128 1.61 15.93 -10.39
C THR A 128 2.28 16.58 -9.17
N GLY A 129 3.37 17.30 -9.41
CA GLY A 129 4.07 17.99 -8.33
C GLY A 129 3.24 19.09 -7.72
N GLY A 130 2.39 19.73 -8.52
CA GLY A 130 1.46 20.71 -7.98
C GLY A 130 0.43 20.07 -7.07
N LEU A 131 -0.12 18.92 -7.49
CA LEU A 131 -1.06 18.19 -6.64
C LEU A 131 -0.39 17.73 -5.35
N TRP A 132 0.89 17.33 -5.45
CA TRP A 132 1.66 16.92 -4.28
C TRP A 132 1.81 18.08 -3.30
N ALA A 133 2.20 19.25 -3.82
CA ALA A 133 2.46 20.41 -2.99
C ALA A 133 1.23 20.88 -2.23
N SER A 134 0.04 20.71 -2.81
CA SER A 134 -1.21 21.12 -2.18
C SER A 134 -1.90 19.97 -1.44
N GLY A 135 -1.32 18.78 -1.42
CA GLY A 135 -1.92 17.64 -0.76
C GLY A 135 -3.18 17.12 -1.42
N ALA A 136 -3.34 17.40 -2.72
CA ALA A 136 -4.60 17.13 -3.40
C ALA A 136 -4.91 15.64 -3.47
N LEU A 137 -3.91 14.75 -3.47
CA LEU A 137 -4.19 13.32 -3.55
C LEU A 137 -4.13 12.64 -2.18
N TYR A 138 -3.92 13.39 -1.12
CA TYR A 138 -3.69 12.80 0.18
C TYR A 138 -4.87 11.95 0.65
N GLY A 139 -4.59 10.70 1.02
CA GLY A 139 -5.61 9.84 1.60
C GLY A 139 -6.54 9.17 0.61
N LYS A 140 -6.34 9.35 -0.68
CA LYS A 140 -7.09 8.60 -1.67
C LYS A 140 -6.56 7.17 -1.71
N VAL A 141 -7.30 6.32 -2.34
CA VAL A 141 -6.94 4.92 -2.43
C VAL A 141 -6.15 4.67 -3.72
N ALA A 142 -5.07 3.90 -3.64
CA ALA A 142 -4.29 3.51 -4.82
C ALA A 142 -4.06 2.01 -4.89
N SER A 143 -3.93 1.51 -6.11
CA SER A 143 -3.60 0.11 -6.35
C SER A 143 -2.90 0.04 -7.70
N VAL A 144 -2.11 -1.03 -7.93
CA VAL A 144 -1.25 -1.13 -9.11
C VAL A 144 -1.37 -2.50 -9.79
N PHE A 145 -1.38 -2.50 -11.12
CA PHE A 145 -1.27 -3.71 -11.94
C PHE A 145 -0.22 -3.48 -13.03
N ALA A 146 0.41 -4.57 -13.49
CA ALA A 146 1.58 -4.41 -14.35
C ALA A 146 1.73 -5.52 -15.37
N SER A 147 2.52 -5.23 -16.40
CA SER A 147 2.89 -6.23 -17.39
C SER A 147 4.41 -6.26 -17.60
N THR A 148 4.88 -7.44 -17.97
CA THR A 148 6.28 -7.66 -18.30
C THR A 148 6.27 -8.64 -19.47
N GLY A 149 7.40 -8.74 -20.18
CA GLY A 149 7.45 -9.66 -21.29
C GLY A 149 7.62 -11.09 -20.84
N THR A 150 8.43 -11.31 -19.81
CA THR A 150 8.78 -12.65 -19.37
C THR A 150 8.48 -12.90 -17.89
N GLY A 151 7.90 -11.94 -17.19
CA GLY A 151 7.72 -12.01 -15.76
C GLY A 151 8.75 -11.23 -14.99
N GLY A 152 9.88 -10.93 -15.63
CA GLY A 152 11.00 -10.35 -14.90
C GLY A 152 10.71 -8.94 -14.46
N GLY A 153 10.88 -8.71 -13.16
CA GLY A 153 10.63 -7.42 -12.60
C GLY A 153 9.18 -7.07 -12.34
N GLN A 154 8.25 -8.01 -12.54
CA GLN A 154 6.83 -7.69 -12.36
C GLN A 154 6.52 -7.29 -10.92
N GLU A 155 7.15 -7.95 -9.93
CA GLU A 155 6.83 -7.63 -8.55
C GLU A 155 7.37 -6.26 -8.18
N HIS A 156 8.62 -6.00 -8.51
CA HIS A 156 9.24 -4.70 -8.22
C HIS A 156 8.58 -3.55 -8.97
N THR A 157 8.02 -3.79 -10.15
CA THR A 157 7.28 -2.71 -10.80
C THR A 157 6.16 -2.22 -9.90
N ILE A 158 5.45 -3.14 -9.27
CA ILE A 158 4.36 -2.77 -8.37
C ILE A 158 4.90 -2.11 -7.10
N THR A 159 5.83 -2.76 -6.40
CA THR A 159 6.24 -2.23 -5.11
C THR A 159 7.03 -0.92 -5.24
N SER A 160 7.82 -0.74 -6.31
CA SER A 160 8.45 0.57 -6.45
C SER A 160 7.42 1.66 -6.72
N THR A 161 6.33 1.33 -7.41
CA THR A 161 5.27 2.32 -7.65
C THR A 161 4.61 2.72 -6.32
N TRP A 162 4.46 1.75 -5.41
CA TRP A 162 3.91 2.03 -4.09
C TRP A 162 4.68 3.14 -3.40
N THR A 163 6.01 3.07 -3.48
CA THR A 163 6.88 4.07 -2.87
C THR A 163 6.60 5.47 -3.39
N THR A 164 6.50 5.61 -4.73
CA THR A 164 6.14 6.91 -5.29
C THR A 164 4.77 7.37 -4.79
N LEU A 165 3.78 6.48 -4.84
CA LEU A 165 2.43 6.87 -4.39
C LEU A 165 2.40 7.24 -2.91
N ALA A 166 3.25 6.62 -2.07
CA ALA A 166 3.30 6.98 -0.65
C ALA A 166 3.66 8.44 -0.44
N HIS A 167 4.50 8.98 -1.31
CA HIS A 167 4.83 10.40 -1.19
C HIS A 167 3.62 11.28 -1.44
N HIS A 168 2.60 10.80 -2.17
CA HIS A 168 1.36 11.56 -2.29
C HIS A 168 0.40 11.30 -1.13
N GLY A 169 0.73 10.36 -0.24
CA GLY A 169 -0.13 10.00 0.87
C GLY A 169 -1.26 9.07 0.50
N PHE A 170 -1.14 8.33 -0.59
CA PHE A 170 -2.15 7.38 -0.95
C PHE A 170 -2.17 6.23 0.04
N ILE A 171 -3.37 5.72 0.29
CA ILE A 171 -3.58 4.42 0.90
C ILE A 171 -3.30 3.37 -0.16
N ILE A 172 -2.54 2.33 0.20
CA ILE A 172 -2.04 1.35 -0.77
C ILE A 172 -2.78 0.03 -0.57
N VAL A 173 -3.33 -0.51 -1.64
CA VAL A 173 -4.12 -1.74 -1.60
C VAL A 173 -3.38 -2.84 -2.36
N PRO A 174 -2.78 -3.81 -1.67
CA PRO A 174 -2.39 -5.07 -2.30
C PRO A 174 -3.57 -6.01 -2.36
N ILE A 175 -3.44 -7.11 -3.09
CA ILE A 175 -4.54 -8.07 -3.16
C ILE A 175 -4.31 -9.36 -2.36
N GLY A 176 -3.12 -9.59 -1.81
CA GLY A 176 -2.93 -10.81 -1.03
C GLY A 176 -3.24 -12.03 -1.86
N TYR A 177 -3.84 -13.04 -1.23
CA TYR A 177 -4.23 -14.25 -1.94
C TYR A 177 -5.76 -14.36 -2.02
N GLY A 178 -6.41 -13.22 -2.19
CA GLY A 178 -7.86 -13.22 -2.21
C GLY A 178 -8.45 -13.82 -3.46
N ALA A 179 -7.76 -13.71 -4.60
CA ALA A 179 -8.20 -14.31 -5.85
C ALA A 179 -7.60 -15.72 -5.91
N LYS A 180 -8.44 -16.75 -5.93
CA LYS A 180 -7.89 -18.09 -5.78
C LYS A 180 -7.10 -18.50 -6.99
N GLU A 181 -7.33 -17.85 -8.13
CA GLU A 181 -6.51 -18.16 -9.31
C GLU A 181 -5.01 -17.97 -9.04
N LEU A 182 -4.64 -17.30 -7.96
CA LEU A 182 -3.22 -17.14 -7.63
C LEU A 182 -2.58 -18.45 -7.19
N PHE A 183 -3.37 -19.43 -6.79
CA PHE A 183 -2.84 -20.73 -6.41
C PHE A 183 -2.68 -21.70 -7.57
N ASP A 184 -3.24 -21.37 -8.73
CA ASP A 184 -3.09 -22.20 -9.92
C ASP A 184 -1.72 -21.93 -10.55
N VAL A 185 -0.91 -22.97 -10.65
CA VAL A 185 0.41 -22.90 -11.25
C VAL A 185 0.54 -23.85 -12.44
N SER A 186 -0.59 -24.30 -12.98
CA SER A 186 -0.55 -25.27 -14.07
C SER A 186 -0.16 -24.61 -15.39
N GLN A 187 -0.36 -23.30 -15.53
CA GLN A 187 0.01 -22.59 -16.74
C GLN A 187 0.72 -21.28 -16.38
N THR A 188 1.46 -20.76 -17.36
CA THR A 188 2.00 -19.41 -17.26
C THR A 188 0.91 -18.45 -16.83
N ARG A 189 1.14 -17.69 -15.77
CA ARG A 189 0.04 -16.93 -15.17
C ARG A 189 0.61 -15.73 -14.43
N GLY A 190 0.26 -14.54 -14.87
CA GLY A 190 0.55 -13.33 -14.13
C GLY A 190 -0.28 -13.26 -12.87
N GLY A 191 -0.08 -12.20 -12.12
CA GLY A 191 -0.74 -12.04 -10.85
C GLY A 191 0.16 -12.37 -9.66
N THR A 192 0.18 -11.46 -8.69
CA THR A 192 0.98 -11.48 -7.48
C THR A 192 0.14 -10.98 -6.31
N PRO A 193 0.60 -11.16 -5.07
CA PRO A 193 -0.13 -10.60 -3.92
C PRO A 193 -0.05 -9.10 -3.86
N TYR A 194 0.82 -8.51 -4.66
CA TYR A 194 0.95 -7.05 -4.71
C TYR A 194 -0.05 -6.44 -5.68
N GLY A 195 -0.59 -7.22 -6.60
CA GLY A 195 -1.39 -6.67 -7.69
C GLY A 195 -1.46 -7.62 -8.85
N ALA A 196 -2.46 -7.41 -9.71
CA ALA A 196 -2.59 -8.22 -10.91
C ALA A 196 -1.44 -7.93 -11.87
N THR A 197 -1.08 -8.92 -12.68
CA THR A 197 -0.11 -8.72 -13.76
C THR A 197 -0.46 -9.63 -14.94
N THR A 198 0.22 -9.37 -16.06
CA THR A 198 0.09 -10.24 -17.21
C THR A 198 1.46 -10.42 -17.86
N ILE A 199 1.63 -11.55 -18.52
CA ILE A 199 2.89 -11.90 -19.16
C ILE A 199 2.67 -11.81 -20.65
N ALA A 200 3.30 -10.82 -21.29
CA ALA A 200 3.08 -10.54 -22.70
C ALA A 200 3.98 -11.32 -23.66
N GLY A 201 5.03 -11.96 -23.16
CA GLY A 201 6.02 -12.49 -24.09
C GLY A 201 7.03 -11.42 -24.48
N GLY A 202 8.27 -11.86 -24.67
CA GLY A 202 9.32 -10.92 -25.04
C GLY A 202 9.01 -10.13 -26.28
N ASP A 203 8.20 -10.70 -27.18
CA ASP A 203 7.74 -10.03 -28.38
C ASP A 203 6.30 -9.52 -28.29
N GLY A 204 5.66 -9.64 -27.14
CA GLY A 204 4.31 -9.12 -27.02
C GLY A 204 3.22 -9.95 -27.64
N SER A 205 3.48 -11.22 -27.92
CA SER A 205 2.55 -12.02 -28.70
C SER A 205 1.59 -12.83 -27.85
N ARG A 206 1.80 -12.88 -26.54
CA ARG A 206 0.93 -13.59 -25.63
C ARG A 206 -0.29 -12.73 -25.31
N GLN A 207 -1.50 -13.36 -25.29
CA GLN A 207 -2.65 -12.55 -24.87
C GLN A 207 -2.94 -12.75 -23.38
N PRO A 208 -3.49 -11.76 -22.69
CA PRO A 208 -3.85 -11.99 -21.28
C PRO A 208 -4.82 -13.16 -21.16
N SER A 209 -4.56 -14.04 -20.19
CA SER A 209 -5.34 -15.25 -19.99
C SER A 209 -6.59 -15.00 -19.14
N ALA A 210 -7.52 -15.93 -19.21
CA ALA A 210 -8.75 -15.81 -18.43
C ALA A 210 -8.44 -15.73 -16.94
N GLU A 211 -7.46 -16.50 -16.48
CA GLU A 211 -7.05 -16.45 -15.08
C GLU A 211 -6.46 -15.09 -14.71
N GLU A 212 -5.62 -14.52 -15.58
CA GLU A 212 -5.09 -13.19 -15.31
C GLU A 212 -6.20 -12.15 -15.27
N LEU A 213 -7.17 -12.25 -16.18
CA LEU A 213 -8.29 -11.32 -16.19
C LEU A 213 -9.16 -11.47 -14.94
N ALA A 214 -9.32 -12.69 -14.45
CA ALA A 214 -10.08 -12.90 -13.22
C ALA A 214 -9.38 -12.25 -12.02
N ILE A 215 -8.06 -12.38 -11.93
CA ILE A 215 -7.33 -11.77 -10.82
C ILE A 215 -7.46 -10.27 -10.87
N ALA A 216 -7.36 -9.68 -12.07
CA ALA A 216 -7.57 -8.25 -12.24
C ALA A 216 -9.01 -7.85 -11.87
N ARG A 217 -9.99 -8.68 -12.22
CA ARG A 217 -11.38 -8.41 -11.85
C ARG A 217 -11.55 -8.38 -10.32
N PHE A 218 -10.89 -9.31 -9.62
CA PHE A 218 -10.90 -9.30 -8.16
C PHE A 218 -10.32 -7.99 -7.63
N GLN A 219 -9.15 -7.60 -8.15
CA GLN A 219 -8.49 -6.41 -7.68
C GLN A 219 -9.38 -5.18 -7.79
N GLY A 220 -10.00 -4.99 -8.94
CA GLY A 220 -10.87 -3.83 -9.11
C GLY A 220 -12.04 -3.82 -8.14
N GLU A 221 -12.69 -4.96 -7.95
CA GLU A 221 -13.80 -5.06 -6.99
C GLU A 221 -13.32 -4.76 -5.57
N HIS A 222 -12.22 -5.39 -5.17
CA HIS A 222 -11.63 -5.17 -3.85
C HIS A 222 -11.34 -3.69 -3.63
N VAL A 223 -10.64 -3.06 -4.58
CA VAL A 223 -10.29 -1.66 -4.45
C VAL A 223 -11.54 -0.79 -4.37
N ALA A 224 -12.55 -1.13 -5.17
CA ALA A 224 -13.75 -0.31 -5.18
C ALA A 224 -14.57 -0.47 -3.90
N LYS A 225 -14.64 -1.68 -3.34
CA LYS A 225 -15.32 -1.82 -2.04
C LYS A 225 -14.65 -0.96 -0.98
N ILE A 226 -13.32 -1.01 -0.92
CA ILE A 226 -12.58 -0.22 0.06
C ILE A 226 -12.82 1.25 -0.16
N THR A 227 -12.73 1.72 -1.41
CA THR A 227 -12.96 3.12 -1.72
C THR A 227 -14.40 3.53 -1.39
N ALA A 228 -15.38 2.71 -1.79
CA ALA A 228 -16.77 3.04 -1.50
C ALA A 228 -17.00 3.12 0.01
N LYS A 229 -16.42 2.20 0.77
CA LYS A 229 -16.62 2.21 2.22
C LYS A 229 -16.03 3.47 2.84
N LEU A 230 -14.86 3.90 2.37
CA LEU A 230 -14.27 5.13 2.89
C LEU A 230 -15.05 6.37 2.48
N LYS A 231 -15.80 6.31 1.39
CA LYS A 231 -16.59 7.45 0.93
C LYS A 231 -18.00 7.51 1.52
N GLY A 232 -18.47 6.41 2.13
CA GLY A 232 -19.86 6.29 2.55
C GLY A 232 -20.25 7.17 3.73
N MET B 34 -17.20 -0.71 16.78
CA MET B 34 -16.38 0.25 17.52
C MET B 34 -15.05 -0.33 17.00
N ALA B 35 -14.01 0.43 16.58
CA ALA B 35 -12.80 -0.16 16.01
C ALA B 35 -11.67 -0.39 17.02
N LYS B 36 -10.96 -1.50 16.79
CA LYS B 36 -9.84 -1.92 17.63
C LYS B 36 -8.49 -1.83 16.89
N ILE B 37 -7.59 -1.04 17.46
CA ILE B 37 -6.22 -0.83 16.97
C ILE B 37 -5.25 -1.48 17.94
N LEU B 38 -4.34 -2.29 17.43
CA LEU B 38 -3.23 -2.80 18.21
C LEU B 38 -1.98 -2.01 17.78
N VAL B 39 -1.30 -1.39 18.73
CA VAL B 39 0.04 -0.87 18.51
C VAL B 39 1.00 -1.96 19.00
N LEU B 40 1.64 -2.67 18.06
CA LEU B 40 2.54 -3.80 18.32
C LEU B 40 3.97 -3.38 18.01
N TYR B 41 4.86 -3.48 18.99
CA TYR B 41 6.22 -2.99 18.75
C TYR B 41 7.26 -3.92 19.33
N TYR B 42 8.50 -3.74 18.87
CA TYR B 42 9.66 -4.27 19.55
C TYR B 42 10.61 -3.12 19.90
N SER B 43 11.17 -3.16 21.11
CA SER B 43 12.15 -2.16 21.53
C SER B 43 13.22 -2.78 22.40
N MET B 44 14.48 -2.53 22.05
CA MET B 44 15.55 -2.97 22.93
C MET B 44 15.99 -1.88 23.89
N TYR B 45 16.19 -0.66 23.40
CA TYR B 45 16.68 0.46 24.20
C TYR B 45 15.61 1.46 24.55
N GLY B 46 14.36 1.26 24.12
CA GLY B 46 13.25 2.07 24.57
C GLY B 46 12.79 3.12 23.59
N HIS B 47 13.55 3.36 22.52
CA HIS B 47 13.20 4.41 21.55
C HIS B 47 11.90 4.09 20.86
N ILE B 48 11.74 2.85 20.41
CA ILE B 48 10.50 2.49 19.73
C ILE B 48 9.35 2.43 20.73
N GLU B 49 9.63 2.02 21.98
CA GLU B 49 8.59 2.04 23.00
C GLU B 49 8.01 3.44 23.14
N THR B 50 8.86 4.46 23.21
CA THR B 50 8.39 5.83 23.34
C THR B 50 7.58 6.27 22.12
N LEU B 51 8.07 5.95 20.92
CA LEU B 51 7.31 6.26 19.71
C LEU B 51 5.95 5.57 19.70
N ALA B 52 5.89 4.32 20.18
CA ALA B 52 4.62 3.60 20.21
C ALA B 52 3.61 4.32 21.11
N GLY B 53 4.08 4.89 22.21
CA GLY B 53 3.21 5.67 23.06
C GLY B 53 2.57 6.83 22.32
N ALA B 54 3.34 7.49 21.45
CA ALA B 54 2.79 8.60 20.67
C ALA B 54 1.86 8.08 19.58
N ILE B 55 2.22 6.97 18.93
CA ILE B 55 1.31 6.36 17.97
C ILE B 55 -0.05 6.12 18.62
N ALA B 56 -0.03 5.48 19.80
CA ALA B 56 -1.28 5.12 20.48
C ALA B 56 -2.04 6.36 20.89
N GLU B 57 -1.33 7.35 21.42
CA GLU B 57 -1.94 8.62 21.74
C GLU B 57 -2.71 9.20 20.56
N GLY B 58 -2.10 9.21 19.37
CA GLY B 58 -2.79 9.74 18.20
C GLY B 58 -4.03 8.95 17.84
N ALA B 59 -3.93 7.62 17.86
CA ALA B 59 -5.09 6.80 17.54
C ALA B 59 -6.22 6.98 18.56
N ARG B 60 -5.90 7.24 19.83
CA ARG B 60 -6.96 7.40 20.83
C ARG B 60 -7.71 8.72 20.64
N LYS B 61 -7.18 9.61 19.79
CA LYS B 61 -7.85 10.86 19.47
C LYS B 61 -9.12 10.63 18.66
N VAL B 62 -9.32 9.43 18.09
CA VAL B 62 -10.43 9.14 17.20
C VAL B 62 -11.53 8.51 18.04
N SER B 63 -12.70 9.16 18.04
CA SER B 63 -13.85 8.67 18.81
C SER B 63 -14.22 7.26 18.40
N GLY B 64 -14.47 6.41 19.40
CA GLY B 64 -14.86 5.04 19.15
C GLY B 64 -13.75 4.09 18.76
N VAL B 65 -12.50 4.44 19.02
CA VAL B 65 -11.39 3.57 18.68
C VAL B 65 -10.80 3.10 20.00
N ASP B 66 -10.73 1.80 20.19
CA ASP B 66 -10.06 1.20 21.35
C ASP B 66 -8.64 0.81 20.95
N VAL B 67 -7.65 1.30 21.69
CA VAL B 67 -6.24 1.14 21.33
C VAL B 67 -5.54 0.32 22.43
N THR B 68 -4.81 -0.71 21.99
CA THR B 68 -4.01 -1.57 22.86
C THR B 68 -2.56 -1.55 22.41
N ILE B 69 -1.64 -1.44 23.37
CA ILE B 69 -0.22 -1.47 23.11
C ILE B 69 0.34 -2.77 23.65
N LYS B 70 1.06 -3.49 22.80
CA LYS B 70 1.70 -4.74 23.21
C LYS B 70 3.07 -4.81 22.54
N ARG B 71 3.96 -5.62 23.11
CA ARG B 71 5.30 -5.82 22.56
C ARG B 71 5.43 -7.27 22.11
N VAL B 72 6.28 -7.52 21.13
CA VAL B 72 6.49 -8.90 20.69
C VAL B 72 7.51 -9.56 21.62
N PRO B 73 7.50 -10.88 21.76
CA PRO B 73 8.44 -11.54 22.66
C PRO B 73 9.90 -11.30 22.25
N GLU B 74 10.74 -11.10 23.27
CA GLU B 74 12.17 -11.07 23.07
C GLU B 74 12.67 -12.41 22.54
N THR B 75 13.63 -12.34 21.62
CA THR B 75 14.27 -13.54 21.09
C THR B 75 15.65 -13.82 21.67
N MET B 76 16.36 -12.79 22.26
CA MET B 76 17.68 -13.01 22.86
C MET B 76 17.57 -13.66 24.24
N PRO B 77 18.62 -14.36 24.68
CA PRO B 77 18.66 -14.85 26.06
C PRO B 77 18.63 -13.69 27.06
N ALA B 78 18.01 -13.94 28.21
CA ALA B 78 17.75 -12.88 29.18
C ALA B 78 19.04 -12.19 29.66
N GLU B 79 20.14 -12.94 29.79
CA GLU B 79 21.38 -12.35 30.31
C GLU B 79 22.10 -11.50 29.28
N ALA B 80 22.08 -11.91 28.01
CA ALA B 80 22.65 -11.10 26.94
C ALA B 80 21.92 -9.77 26.78
N PHE B 81 20.58 -9.81 26.80
CA PHE B 81 19.78 -8.59 26.69
C PHE B 81 20.17 -7.60 27.77
N LYS B 83 22.97 -7.65 29.66
CA LYS B 83 24.38 -7.29 29.48
C LYS B 83 24.60 -6.41 28.25
N ALA B 84 23.70 -6.45 27.27
CA ALA B 84 23.80 -5.55 26.13
C ALA B 84 23.22 -4.18 26.41
N GLY B 85 22.80 -3.92 27.65
CA GLY B 85 22.21 -2.65 28.01
C GLY B 85 20.73 -2.52 27.73
N GLY B 86 20.02 -3.64 27.57
CA GLY B 86 18.61 -3.59 27.22
C GLY B 86 17.73 -3.05 28.33
N LYS B 87 16.57 -2.53 27.94
CA LYS B 87 15.60 -1.93 28.85
C LYS B 87 14.64 -3.03 29.27
N THR B 88 14.88 -3.61 30.45
CA THR B 88 14.04 -4.67 30.97
C THR B 88 12.73 -4.16 31.55
N ASN B 89 12.64 -2.87 31.86
CA ASN B 89 11.45 -2.29 32.49
C ASN B 89 10.51 -1.76 31.40
N GLN B 90 9.79 -2.68 30.76
CA GLN B 90 8.80 -2.35 29.72
C GLN B 90 7.44 -2.84 30.17
N GLN B 91 6.52 -1.90 30.39
CA GLN B 91 5.25 -2.23 31.01
C GLN B 91 4.28 -2.94 30.06
N ALA B 92 4.42 -2.73 28.76
CA ALA B 92 3.45 -3.28 27.82
C ALA B 92 3.36 -4.81 27.92
N PRO B 93 2.15 -5.38 27.86
CA PRO B 93 2.00 -6.83 27.83
C PRO B 93 2.65 -7.41 26.58
N VAL B 94 3.00 -8.70 26.63
CA VAL B 94 3.57 -9.42 25.50
C VAL B 94 2.45 -9.99 24.67
N ALA B 95 2.50 -9.77 23.36
CA ALA B 95 1.52 -10.26 22.40
C ALA B 95 1.87 -11.68 21.95
N THR B 96 0.86 -12.39 21.43
CA THR B 96 1.02 -13.66 20.75
C THR B 96 0.57 -13.49 19.31
N PRO B 97 1.10 -14.28 18.37
CA PRO B 97 0.69 -14.11 16.95
C PRO B 97 -0.80 -14.31 16.76
N HIS B 98 -1.37 -15.23 17.57
CA HIS B 98 -2.79 -15.60 17.51
C HIS B 98 -3.68 -14.37 17.59
N GLU B 99 -3.32 -13.41 18.44
CA GLU B 99 -4.24 -12.33 18.73
C GLU B 99 -4.30 -11.25 17.65
N LEU B 100 -3.44 -11.30 16.62
CA LEU B 100 -3.53 -10.29 15.56
C LEU B 100 -4.91 -10.28 14.92
N ALA B 101 -5.60 -11.42 14.92
CA ALA B 101 -6.94 -11.53 14.34
C ALA B 101 -8.00 -10.78 15.11
N ASP B 102 -7.73 -10.34 16.33
CA ASP B 102 -8.73 -9.70 17.15
C ASP B 102 -8.83 -8.18 16.94
N TYR B 103 -8.01 -7.59 16.10
CA TYR B 103 -7.95 -6.15 15.95
C TYR B 103 -8.34 -5.81 14.53
N ASP B 104 -8.78 -4.57 14.33
CA ASP B 104 -9.16 -4.13 12.99
C ASP B 104 -8.01 -3.45 12.26
N GLY B 105 -7.11 -2.86 13.02
CA GLY B 105 -5.94 -2.24 12.43
C GLY B 105 -4.79 -2.55 13.35
N ILE B 106 -3.60 -2.74 12.78
CA ILE B 106 -2.38 -3.04 13.53
C ILE B 106 -1.26 -2.13 13.04
N ILE B 107 -0.66 -1.39 13.96
CA ILE B 107 0.43 -0.49 13.68
C ILE B 107 1.68 -1.12 14.26
N PHE B 108 2.60 -1.49 13.38
CA PHE B 108 3.81 -2.25 13.72
C PHE B 108 4.99 -1.32 13.90
N GLY B 109 5.67 -1.45 15.04
CA GLY B 109 6.87 -0.68 15.31
C GLY B 109 8.09 -1.56 15.52
N THR B 110 9.22 -1.21 14.85
CA THR B 110 10.43 -2.03 14.93
C THR B 110 11.72 -1.27 14.74
N PRO B 111 12.79 -1.65 15.44
CA PRO B 111 14.13 -1.18 15.09
C PRO B 111 14.56 -1.82 13.78
N THR B 112 15.62 -1.25 13.23
CA THR B 112 16.28 -1.82 12.08
C THR B 112 17.38 -2.76 12.53
N ARG B 113 17.49 -3.89 11.85
CA ARG B 113 18.62 -4.84 11.94
C ARG B 113 19.24 -5.08 10.58
N PHE B 114 20.47 -4.62 10.41
CA PHE B 114 21.21 -4.90 9.17
C PHE B 114 20.31 -4.66 7.99
N GLY B 115 19.68 -3.50 8.01
CA GLY B 115 18.85 -3.03 6.93
C GLY B 115 17.43 -3.55 6.85
N ASN B 116 17.01 -4.46 7.75
CA ASN B 116 15.67 -5.03 7.68
C ASN B 116 15.03 -4.92 9.06
N MET B 117 13.77 -5.31 9.15
CA MET B 117 13.13 -5.35 10.46
C MET B 117 13.91 -6.21 11.45
N SER B 118 13.83 -5.82 12.70
CA SER B 118 14.40 -6.57 13.81
C SER B 118 14.06 -8.05 13.68
N GLY B 119 15.00 -8.88 14.06
CA GLY B 119 14.74 -10.31 14.12
C GLY B 119 13.58 -10.67 15.04
N GLN B 120 13.37 -9.90 16.11
CA GLN B 120 12.24 -10.16 17.01
C GLN B 120 10.91 -9.99 16.31
N MET B 121 10.71 -8.87 15.62
CA MET B 121 9.46 -8.66 14.88
C MET B 121 9.36 -9.63 13.71
N ARG B 122 10.47 -9.92 13.02
CA ARG B 122 10.41 -10.89 11.92
C ARG B 122 9.97 -12.25 12.40
N THR B 123 10.55 -12.70 13.50
CA THR B 123 10.20 -14.01 14.05
C THR B 123 8.73 -14.08 14.39
N PHE B 124 8.19 -13.04 15.00
CA PHE B 124 6.76 -12.96 15.29
C PHE B 124 5.94 -13.10 14.01
N LEU B 125 6.24 -12.33 12.98
CA LEU B 125 5.50 -12.43 11.73
C LEU B 125 5.73 -13.77 11.02
N ASP B 126 6.92 -14.37 11.18
CA ASP B 126 7.17 -15.69 10.59
C ASP B 126 6.21 -16.73 11.16
N GLN B 127 5.65 -16.46 12.34
CA GLN B 127 4.76 -17.39 13.01
C GLN B 127 3.28 -17.15 12.72
N THR B 128 2.94 -16.54 11.59
CA THR B 128 1.56 -16.25 11.24
C THR B 128 1.08 -17.10 10.07
N GLY B 129 1.68 -18.25 9.85
CA GLY B 129 1.27 -19.09 8.74
C GLY B 129 -0.15 -19.61 8.86
N GLY B 130 -0.60 -19.95 10.08
CA GLY B 130 -1.98 -20.35 10.26
C GLY B 130 -2.94 -19.21 9.98
N LEU B 131 -2.63 -17.99 10.43
CA LEU B 131 -3.42 -16.83 10.09
C LEU B 131 -3.44 -16.60 8.57
N TRP B 132 -2.31 -16.80 7.90
CA TRP B 132 -2.25 -16.63 6.46
C TRP B 132 -3.14 -17.64 5.75
N ALA B 133 -3.01 -18.91 6.10
CA ALA B 133 -3.74 -19.96 5.39
C ALA B 133 -5.25 -19.77 5.52
N SER B 134 -5.72 -19.22 6.63
CA SER B 134 -7.14 -19.05 6.85
C SER B 134 -7.65 -17.68 6.41
N GLY B 135 -6.79 -16.80 5.92
CA GLY B 135 -7.17 -15.46 5.52
C GLY B 135 -7.60 -14.56 6.66
N ALA B 136 -7.15 -14.86 7.89
CA ALA B 136 -7.69 -14.19 9.07
C ALA B 136 -7.39 -12.70 9.12
N LEU B 137 -6.29 -12.27 8.49
CA LEU B 137 -5.87 -10.87 8.52
C LEU B 137 -6.27 -10.11 7.27
N TYR B 138 -6.95 -10.77 6.33
CA TYR B 138 -7.24 -10.20 5.00
C TYR B 138 -8.09 -8.93 5.12
N GLY B 139 -7.61 -7.84 4.53
CA GLY B 139 -8.35 -6.60 4.49
C GLY B 139 -8.31 -5.78 5.76
N LYS B 140 -7.54 -6.21 6.75
CA LYS B 140 -7.27 -5.39 7.92
C LYS B 140 -6.31 -4.26 7.53
N VAL B 141 -6.25 -3.24 8.39
CA VAL B 141 -5.43 -2.06 8.14
C VAL B 141 -4.09 -2.24 8.84
N ALA B 142 -3.01 -1.92 8.10
CA ALA B 142 -1.66 -1.90 8.66
C ALA B 142 -0.91 -0.61 8.35
N SER B 143 -0.01 -0.29 9.28
CA SER B 143 0.93 0.83 9.18
C SER B 143 2.16 0.46 10.00
N VAL B 144 3.29 1.16 9.71
CA VAL B 144 4.61 0.79 10.25
C VAL B 144 5.36 2.03 10.70
N PHE B 145 6.06 1.89 11.82
CA PHE B 145 7.03 2.87 12.30
C PHE B 145 8.34 2.14 12.65
N ALA B 146 9.45 2.87 12.60
CA ALA B 146 10.76 2.23 12.69
C ALA B 146 11.74 3.19 13.34
N SER B 147 12.85 2.62 13.82
CA SER B 147 14.00 3.37 14.30
C SER B 147 15.25 2.98 13.50
N THR B 148 16.19 3.93 13.40
CA THR B 148 17.25 3.84 12.40
C THR B 148 18.42 3.16 13.07
N GLY B 149 18.85 2.04 12.49
CA GLY B 149 19.97 1.33 13.03
C GLY B 149 21.38 1.66 12.57
N GLY B 152 22.30 2.65 8.87
CA GLY B 152 20.95 2.36 9.34
C GLY B 152 19.92 2.70 8.27
N GLY B 153 18.97 1.78 8.03
CA GLY B 153 18.00 1.95 6.97
C GLY B 153 16.52 1.87 7.33
N GLN B 154 16.01 2.98 7.84
CA GLN B 154 14.62 3.02 8.29
C GLN B 154 13.66 2.73 7.14
N GLU B 155 13.94 3.27 5.96
CA GLU B 155 13.00 3.19 4.85
C GLU B 155 12.85 1.76 4.33
N HIS B 156 13.95 1.02 4.16
CA HIS B 156 13.79 -0.37 3.73
C HIS B 156 13.06 -1.20 4.75
N THR B 157 13.26 -0.89 6.02
CA THR B 157 12.56 -1.61 7.06
C THR B 157 11.07 -1.46 6.90
N ILE B 158 10.61 -0.23 6.69
CA ILE B 158 9.17 -0.01 6.54
C ILE B 158 8.66 -0.64 5.25
N THR B 159 9.31 -0.35 4.12
CA THR B 159 8.75 -0.86 2.88
C THR B 159 8.89 -2.38 2.81
N SER B 160 9.92 -2.97 3.40
CA SER B 160 9.95 -4.43 3.38
C SER B 160 8.87 -5.02 4.30
N THR B 161 8.49 -4.33 5.39
CA THR B 161 7.35 -4.80 6.19
C THR B 161 6.09 -4.73 5.34
N TRP B 162 5.96 -3.66 4.56
CA TRP B 162 4.79 -3.55 3.66
C TRP B 162 4.69 -4.76 2.75
N THR B 163 5.82 -5.15 2.14
CA THR B 163 5.83 -6.32 1.27
C THR B 163 5.33 -7.57 1.98
N THR B 164 5.84 -7.83 3.19
CA THR B 164 5.37 -8.99 3.95
C THR B 164 3.88 -8.92 4.26
N LEU B 165 3.40 -7.75 4.71
CA LEU B 165 1.99 -7.59 5.02
C LEU B 165 1.09 -7.79 3.79
N ALA B 166 1.59 -7.46 2.60
CA ALA B 166 0.80 -7.64 1.38
C ALA B 166 0.44 -9.09 1.18
N HIS B 167 1.31 -9.98 1.64
CA HIS B 167 1.04 -11.41 1.48
C HIS B 167 -0.16 -11.84 2.32
N HIS B 168 -0.46 -11.14 3.39
CA HIS B 168 -1.67 -11.35 4.19
C HIS B 168 -2.85 -10.53 3.69
N GLY B 169 -2.66 -9.68 2.68
CA GLY B 169 -3.78 -8.90 2.23
C GLY B 169 -4.12 -7.71 3.08
N PHE B 170 -3.18 -7.21 3.87
CA PHE B 170 -3.43 -5.98 4.60
C PHE B 170 -3.54 -4.80 3.63
N ILE B 171 -4.42 -3.86 4.02
CA ILE B 171 -4.42 -2.50 3.48
C ILE B 171 -3.31 -1.71 4.15
N ILE B 172 -2.49 -1.03 3.35
CA ILE B 172 -1.26 -0.42 3.82
C ILE B 172 -1.41 1.10 3.85
N VAL B 173 -1.12 1.69 4.99
CA VAL B 173 -1.30 3.15 5.20
C VAL B 173 0.08 3.77 5.35
N PRO B 174 0.56 4.51 4.32
CA PRO B 174 1.67 5.45 4.50
C PRO B 174 1.13 6.71 5.14
N ILE B 175 2.03 7.61 5.54
CA ILE B 175 1.60 8.88 6.09
C ILE B 175 1.80 10.08 5.16
N GLY B 176 2.53 9.93 4.05
CA GLY B 176 2.72 11.05 3.15
C GLY B 176 3.34 12.21 3.88
N TYR B 177 2.94 13.42 3.51
CA TYR B 177 3.43 14.65 4.15
C TYR B 177 2.31 15.34 4.93
N GLY B 178 1.44 14.54 5.54
CA GLY B 178 0.32 15.10 6.30
C GLY B 178 0.76 15.79 7.58
N ALA B 179 1.85 15.35 8.18
CA ALA B 179 2.41 15.99 9.36
C ALA B 179 3.41 17.05 8.90
N LYS B 180 3.19 18.29 9.34
CA LYS B 180 3.98 19.40 8.80
C LYS B 180 5.45 19.32 9.22
N GLU B 181 5.75 18.55 10.27
CA GLU B 181 7.13 18.31 10.69
C GLU B 181 7.95 17.56 9.66
N LEU B 182 7.33 17.00 8.62
CA LEU B 182 8.08 16.31 7.56
C LEU B 182 8.81 17.29 6.64
N PHE B 183 8.36 18.53 6.57
CA PHE B 183 8.99 19.56 5.76
C PHE B 183 10.13 20.26 6.51
N GLY B 191 11.58 11.02 10.74
CA GLY B 191 10.31 10.79 10.03
C GLY B 191 10.39 10.73 8.50
N THR B 192 9.54 9.89 7.87
CA THR B 192 9.46 9.70 6.43
C THR B 192 8.01 9.69 5.97
N PRO B 193 7.71 9.76 4.66
CA PRO B 193 6.32 9.57 4.22
C PRO B 193 5.82 8.13 4.34
N TYR B 194 6.71 7.18 4.61
CA TYR B 194 6.28 5.80 4.73
C TYR B 194 5.74 5.50 6.13
N GLY B 195 6.08 6.31 7.11
CA GLY B 195 5.73 6.06 8.50
C GLY B 195 6.69 6.81 9.40
N ALA B 196 6.29 6.94 10.67
CA ALA B 196 7.13 7.66 11.61
C ALA B 196 8.42 6.90 11.85
N THR B 197 9.49 7.64 12.13
CA THR B 197 10.77 7.03 12.47
C THR B 197 11.45 7.87 13.53
N THR B 198 12.48 7.28 14.12
CA THR B 198 13.35 7.96 15.07
C THR B 198 14.77 7.48 14.86
N ILE B 199 15.72 8.27 15.31
CA ILE B 199 17.14 7.96 15.22
C ILE B 199 17.61 7.60 16.63
N ALA B 200 17.92 6.32 16.83
CA ALA B 200 18.21 5.82 18.17
C ALA B 200 19.63 6.17 18.58
N ARG B 206 19.62 10.00 24.08
CA ARG B 206 19.32 9.76 22.67
C ARG B 206 17.86 9.33 22.50
N GLN B 207 16.92 10.15 23.01
CA GLN B 207 15.48 9.88 22.98
C GLN B 207 14.81 10.53 21.78
N PRO B 208 13.67 9.98 21.35
CA PRO B 208 12.95 10.56 20.20
C PRO B 208 12.64 12.03 20.43
N SER B 209 12.73 12.81 19.36
CA SER B 209 12.51 14.24 19.48
C SER B 209 11.03 14.57 19.44
N ALA B 210 10.72 15.79 19.88
CA ALA B 210 9.33 16.24 19.85
C ALA B 210 8.81 16.21 18.43
N GLU B 211 9.65 16.55 17.46
CA GLU B 211 9.24 16.48 16.07
C GLU B 211 8.95 15.05 15.65
N GLU B 212 9.78 14.10 16.05
CA GLU B 212 9.49 12.71 15.70
C GLU B 212 8.18 12.25 16.35
N LEU B 213 7.97 12.63 17.61
CA LEU B 213 6.77 12.22 18.33
C LEU B 213 5.51 12.84 17.73
N ALA B 214 5.60 14.09 17.27
CA ALA B 214 4.45 14.70 16.60
C ALA B 214 4.07 13.94 15.36
N ILE B 215 5.05 13.47 14.59
CA ILE B 215 4.74 12.70 13.38
C ILE B 215 4.10 11.36 13.74
N ALA B 216 4.56 10.71 14.81
CA ALA B 216 3.96 9.46 15.24
C ALA B 216 2.52 9.68 15.69
N ARG B 217 2.22 10.77 16.39
CA ARG B 217 0.84 11.06 16.80
C ARG B 217 -0.05 11.20 15.58
N PHE B 218 0.46 11.91 14.56
CA PHE B 218 -0.28 12.08 13.33
C PHE B 218 -0.58 10.73 12.69
N GLN B 219 0.44 9.87 12.61
CA GLN B 219 0.26 8.54 12.02
C GLN B 219 -0.81 7.75 12.76
N GLY B 220 -0.72 7.71 14.09
CA GLY B 220 -1.75 7.00 14.85
C GLY B 220 -3.16 7.52 14.58
N GLU B 221 -3.33 8.85 14.54
CA GLU B 221 -4.66 9.39 14.25
C GLU B 221 -5.10 9.04 12.83
N HIS B 222 -4.22 9.26 11.85
CA HIS B 222 -4.54 8.94 10.46
C HIS B 222 -4.96 7.50 10.31
N VAL B 223 -4.17 6.57 10.85
CA VAL B 223 -4.49 5.15 10.71
C VAL B 223 -5.81 4.82 11.39
N ALA B 224 -6.04 5.41 12.56
CA ALA B 224 -7.25 5.09 13.30
C ALA B 224 -8.50 5.66 12.61
N LYS B 225 -8.40 6.86 12.02
CA LYS B 225 -9.54 7.39 11.26
C LYS B 225 -9.92 6.43 10.14
N ILE B 226 -8.93 5.96 9.39
CA ILE B 226 -9.16 5.04 8.27
C ILE B 226 -9.75 3.73 8.76
N THR B 227 -9.17 3.15 9.81
CA THR B 227 -9.70 1.91 10.35
C THR B 227 -11.15 2.08 10.81
N ALA B 228 -11.43 3.15 11.57
CA ALA B 228 -12.80 3.35 12.05
C ALA B 228 -13.78 3.51 10.89
N LYS B 229 -13.37 4.22 9.83
CA LYS B 229 -14.24 4.42 8.69
C LYS B 229 -14.50 3.10 7.97
N LEU B 230 -13.49 2.25 7.87
CA LEU B 230 -13.68 0.97 7.20
C LEU B 230 -14.54 -0.01 8.00
N LYS B 231 -14.68 0.19 9.31
CA LYS B 231 -15.41 -0.76 10.19
C LYS B 231 -16.91 -0.54 10.20
CL CL C . 1.25 -3.61 -22.07
CL CL D . 14.78 0.79 20.14
#